data_4MZS
#
_entry.id   4MZS
#
_cell.length_a   36.542
_cell.length_b   88.959
_cell.length_c   120.941
_cell.angle_alpha   90.00
_cell.angle_beta   90.00
_cell.angle_gamma   90.00
#
_symmetry.space_group_name_H-M   'P 21 21 21'
#
loop_
_entity.id
_entity.type
_entity.pdbx_description
1 polymer 'Cathepsin S'
2 non-polymer (3S,4S)-1-[(2-chlorophenyl)sulfonyl]-N-[(2E)-2-iminoethyl]-4-(morpholin-4-ylcarbonyl)pyrrolidine-3-carboxamide
3 water water
#
_entity_poly.entity_id   1
_entity_poly.type   'polypeptide(L)'
_entity_poly.pdbx_seq_one_letter_code
;RSYSNRTLPDTVDWREKGCVTEVKYQGSCGACWAFSAVGALEGQLKLKTGKLISLSAQNLVDCSNEEKYGNKGCGGGYMT
EAFQYIIDNGGIEADASYPYKAMDEKCHYNSKNRAATCSRYIQLPFGDEDALKEAVATKGPVSVGIDASHSSFFFYKSGV
YDDPSCTGNVNHGVLVVGYGTLDGKDYWLVKNSWGLNFGDQGYIRMARNNKNHCGIASYCSYPEI
;
_entity_poly.pdbx_strand_id   A,B
#
# COMPACT_ATOMS: atom_id res chain seq x y z
N LEU A 8 -12.69 -12.49 -23.93
CA LEU A 8 -11.28 -12.04 -23.86
C LEU A 8 -10.37 -13.05 -24.58
N PRO A 9 -9.32 -12.61 -25.32
CA PRO A 9 -8.43 -13.58 -25.99
C PRO A 9 -7.59 -14.38 -24.99
N ASP A 10 -7.04 -15.53 -25.43
CA ASP A 10 -6.22 -16.41 -24.60
C ASP A 10 -4.84 -15.80 -24.35
N THR A 11 -4.28 -15.18 -25.40
CA THR A 11 -2.96 -14.57 -25.39
C THR A 11 -3.05 -13.15 -25.95
N VAL A 12 -2.41 -12.23 -25.23
CA VAL A 12 -2.29 -10.81 -25.56
C VAL A 12 -0.82 -10.43 -25.34
N ASP A 13 -0.29 -9.64 -26.26
CA ASP A 13 1.06 -9.10 -26.23
C ASP A 13 0.98 -7.82 -27.06
N TRP A 14 1.07 -6.64 -26.38
CA TRP A 14 0.93 -5.32 -27.00
C TRP A 14 2.09 -4.91 -27.93
N ARG A 15 3.24 -5.60 -27.84
CA ARG A 15 4.41 -5.40 -28.71
C ARG A 15 4.00 -5.71 -30.16
N GLU A 16 3.08 -6.68 -30.34
CA GLU A 16 2.52 -7.11 -31.62
C GLU A 16 1.79 -5.97 -32.35
N LYS A 17 1.05 -5.13 -31.58
CA LYS A 17 0.31 -3.97 -32.07
C LYS A 17 1.19 -2.69 -32.08
N GLY A 18 2.47 -2.85 -31.77
CA GLY A 18 3.44 -1.76 -31.72
C GLY A 18 3.09 -0.67 -30.72
N CYS A 19 2.56 -1.07 -29.54
CA CYS A 19 2.11 -0.18 -28.47
C CYS A 19 3.09 -0.10 -27.30
N VAL A 20 4.29 -0.72 -27.46
CA VAL A 20 5.31 -0.77 -26.40
C VAL A 20 6.63 -0.21 -26.91
N THR A 21 7.23 0.72 -26.15
CA THR A 21 8.54 1.26 -26.51
C THR A 21 9.65 0.30 -26.11
N GLU A 22 10.90 0.63 -26.48
CA GLU A 22 12.11 -0.13 -26.13
C GLU A 22 12.23 -0.19 -24.59
N VAL A 23 12.79 -1.29 -24.04
CA VAL A 23 12.99 -1.47 -22.61
C VAL A 23 14.02 -0.44 -22.15
N LYS A 24 13.71 0.26 -21.05
CA LYS A 24 14.59 1.30 -20.50
C LYS A 24 15.39 0.79 -19.31
N TYR A 25 16.45 1.53 -18.95
CA TYR A 25 17.36 1.21 -17.86
C TYR A 25 17.35 2.37 -16.87
N GLN A 26 16.75 2.16 -15.69
CA GLN A 26 16.64 3.20 -14.67
C GLN A 26 17.96 3.52 -13.97
N GLY A 27 18.88 2.58 -13.94
CA GLY A 27 20.15 2.73 -13.22
C GLY A 27 19.93 2.89 -11.74
N SER A 28 20.78 3.70 -11.09
CA SER A 28 20.76 3.98 -9.64
C SER A 28 19.51 4.71 -9.12
N CYS A 29 18.79 5.44 -9.97
CA CYS A 29 17.61 6.22 -9.60
C CYS A 29 16.39 5.30 -9.43
N GLY A 30 15.69 5.44 -8.30
CA GLY A 30 14.50 4.64 -7.98
C GLY A 30 13.26 5.17 -8.69
N ALA A 31 13.35 5.20 -10.04
CA ALA A 31 12.35 5.73 -10.96
C ALA A 31 11.45 4.66 -11.62
N CYS A 32 11.41 3.43 -11.07
CA CYS A 32 10.52 2.39 -11.64
C CYS A 32 9.09 2.90 -11.85
N TRP A 33 8.55 3.68 -10.91
CA TRP A 33 7.18 4.22 -10.93
C TRP A 33 7.01 5.17 -12.14
N ALA A 34 8.07 5.93 -12.48
CA ALA A 34 8.04 6.88 -13.60
C ALA A 34 8.07 6.14 -14.94
N PHE A 35 8.93 5.09 -15.08
CA PHE A 35 8.96 4.27 -16.30
C PHE A 35 7.65 3.52 -16.49
N SER A 36 7.06 3.01 -15.40
CA SER A 36 5.79 2.26 -15.47
C SER A 36 4.66 3.17 -15.98
N ALA A 37 4.59 4.40 -15.43
CA ALA A 37 3.61 5.42 -15.76
C ALA A 37 3.71 5.81 -17.24
N VAL A 38 4.93 6.12 -17.72
CA VAL A 38 5.20 6.51 -19.12
C VAL A 38 4.89 5.36 -20.05
N GLY A 39 5.23 4.14 -19.63
CA GLY A 39 4.94 2.92 -20.39
C GLY A 39 3.45 2.80 -20.66
N ALA A 40 2.63 2.99 -19.62
CA ALA A 40 1.17 2.92 -19.78
C ALA A 40 0.64 4.06 -20.66
N LEU A 41 1.18 5.27 -20.52
CA LEU A 41 0.75 6.40 -21.35
C LEU A 41 1.15 6.25 -22.82
N GLU A 42 2.35 5.67 -23.07
CA GLU A 42 2.89 5.41 -24.42
C GLU A 42 1.96 4.49 -25.15
N GLY A 43 1.45 3.48 -24.42
CA GLY A 43 0.47 2.53 -24.92
C GLY A 43 -0.77 3.25 -25.43
N GLN A 44 -1.36 4.11 -24.58
CA GLN A 44 -2.55 4.90 -24.93
C GLN A 44 -2.27 5.90 -26.07
N LEU A 45 -1.07 6.55 -26.05
CA LEU A 45 -0.65 7.50 -27.08
C LEU A 45 -0.64 6.84 -28.47
N LYS A 46 -0.13 5.60 -28.56
CA LYS A 46 -0.08 4.85 -29.82
C LYS A 46 -1.47 4.46 -30.33
N LEU A 47 -2.31 3.90 -29.44
CA LEU A 47 -3.69 3.49 -29.75
C LEU A 47 -4.56 4.65 -30.26
N LYS A 48 -4.38 5.85 -29.68
CA LYS A 48 -5.13 7.04 -30.09
C LYS A 48 -4.56 7.74 -31.34
N THR A 49 -3.26 8.11 -31.34
CA THR A 49 -2.65 8.91 -32.41
C THR A 49 -1.87 8.12 -33.50
N GLY A 50 -1.51 6.86 -33.21
CA GLY A 50 -0.70 6.05 -34.11
C GLY A 50 0.79 6.29 -33.91
N LYS A 51 1.15 7.23 -33.00
CA LYS A 51 2.51 7.61 -32.66
C LYS A 51 3.04 6.71 -31.53
N LEU A 52 4.19 6.04 -31.74
CA LEU A 52 4.88 5.27 -30.71
C LEU A 52 6.10 6.12 -30.29
N ILE A 53 5.97 6.80 -29.14
CA ILE A 53 6.99 7.73 -28.65
C ILE A 53 7.37 7.41 -27.20
N SER A 54 8.69 7.32 -26.91
CA SER A 54 9.18 7.11 -25.53
C SER A 54 8.97 8.42 -24.78
N LEU A 55 8.09 8.40 -23.75
CA LEU A 55 7.77 9.59 -22.99
C LEU A 55 8.80 9.84 -21.87
N SER A 56 8.83 11.06 -21.33
CA SER A 56 9.86 11.43 -20.36
C SER A 56 9.60 11.03 -18.91
N ALA A 57 10.29 9.97 -18.49
CA ALA A 57 10.28 9.51 -17.09
C ALA A 57 10.98 10.59 -16.25
N GLN A 58 12.02 11.26 -16.82
CA GLN A 58 12.73 12.37 -16.16
C GLN A 58 11.80 13.55 -15.84
N ASN A 59 10.87 13.87 -16.76
CA ASN A 59 9.85 14.91 -16.56
C ASN A 59 9.05 14.61 -15.27
N LEU A 60 8.67 13.34 -15.06
CA LEU A 60 7.94 12.92 -13.86
C LEU A 60 8.82 12.97 -12.59
N VAL A 61 10.08 12.55 -12.70
CA VAL A 61 11.05 12.50 -11.59
C VAL A 61 11.32 13.89 -11.00
N ASP A 62 11.55 14.88 -11.87
CA ASP A 62 11.87 16.25 -11.48
C ASP A 62 10.69 17.07 -11.07
N CYS A 63 9.55 16.96 -11.80
CA CYS A 63 8.39 17.85 -11.66
C CYS A 63 7.22 17.36 -10.77
N SER A 64 7.11 16.07 -10.45
CA SER A 64 6.01 15.61 -9.60
C SER A 64 6.44 15.43 -8.13
N ASN A 65 7.68 15.86 -7.79
CA ASN A 65 8.27 15.78 -6.46
C ASN A 65 7.71 16.91 -5.56
N GLU A 66 6.44 16.79 -5.13
CA GLU A 66 5.77 17.77 -4.28
C GLU A 66 4.92 17.10 -3.19
N GLU A 67 4.41 17.89 -2.22
CA GLU A 67 3.54 17.42 -1.13
C GLU A 67 2.19 16.96 -1.69
N LYS A 68 1.70 17.67 -2.74
CA LYS A 68 0.45 17.43 -3.48
C LYS A 68 0.39 16.02 -4.11
N TYR A 69 1.55 15.48 -4.54
CA TYR A 69 1.65 14.19 -5.21
C TYR A 69 2.19 13.04 -4.35
N GLY A 70 3.19 13.29 -3.53
CA GLY A 70 3.73 12.19 -2.74
C GLY A 70 4.78 11.38 -3.47
N ASN A 71 5.20 11.87 -4.66
CA ASN A 71 6.30 11.31 -5.43
C ASN A 71 7.56 11.93 -4.85
N LYS A 72 8.65 11.18 -4.83
CA LYS A 72 9.91 11.61 -4.23
C LYS A 72 11.10 11.45 -5.22
N GLY A 73 10.81 11.59 -6.52
CA GLY A 73 11.83 11.50 -7.57
C GLY A 73 12.56 10.18 -7.57
N CYS A 74 13.90 10.22 -7.37
CA CYS A 74 14.74 9.01 -7.31
C CYS A 74 14.54 8.24 -6.00
N GLY A 75 13.79 8.82 -5.08
CA GLY A 75 13.46 8.19 -3.80
C GLY A 75 12.21 7.34 -3.89
N GLY A 76 11.63 7.28 -5.07
CA GLY A 76 10.41 6.50 -5.33
C GLY A 76 9.18 7.33 -5.51
N GLY A 77 8.08 6.68 -5.87
CA GLY A 77 6.81 7.33 -6.15
C GLY A 77 5.74 6.38 -6.64
N TYR A 78 4.66 6.94 -7.19
CA TYR A 78 3.47 6.24 -7.60
C TYR A 78 3.05 6.52 -9.02
N MET A 79 2.65 5.46 -9.71
CA MET A 79 2.14 5.59 -11.08
C MET A 79 0.89 6.50 -11.13
N THR A 80 -0.06 6.28 -10.20
CA THR A 80 -1.32 7.08 -10.13
C THR A 80 -1.06 8.58 -9.94
N GLU A 81 -0.02 8.90 -9.17
CA GLU A 81 0.37 10.28 -8.90
C GLU A 81 1.14 10.88 -10.06
N ALA A 82 1.88 10.05 -10.81
CA ALA A 82 2.55 10.50 -12.03
C ALA A 82 1.46 10.87 -13.04
N PHE A 83 0.37 10.08 -13.10
CA PHE A 83 -0.76 10.34 -13.99
C PHE A 83 -1.48 11.63 -13.56
N GLN A 84 -1.59 11.85 -12.25
CA GLN A 84 -2.24 13.05 -11.71
C GLN A 84 -1.42 14.27 -12.06
N TYR A 85 -0.08 14.16 -11.99
CA TYR A 85 0.81 15.25 -12.40
C TYR A 85 0.57 15.59 -13.89
N ILE A 86 0.51 14.58 -14.78
CA ILE A 86 0.25 14.82 -16.23
C ILE A 86 -1.12 15.51 -16.47
N ILE A 87 -2.15 15.08 -15.74
CA ILE A 87 -3.48 15.71 -15.87
C ILE A 87 -3.36 17.20 -15.48
N ASP A 88 -2.80 17.45 -14.28
CA ASP A 88 -2.63 18.78 -13.71
C ASP A 88 -1.75 19.71 -14.54
N ASN A 89 -0.63 19.19 -15.04
CA ASN A 89 0.35 19.93 -15.84
C ASN A 89 -0.18 20.24 -17.26
N GLY A 90 -1.15 19.47 -17.73
CA GLY A 90 -1.72 19.60 -19.06
C GLY A 90 -0.89 18.84 -20.07
N GLY A 91 0.14 18.13 -19.60
CA GLY A 91 1.00 17.35 -20.47
C GLY A 91 2.30 16.86 -19.89
N ILE A 92 3.05 16.16 -20.73
CA ILE A 92 4.36 15.57 -20.49
C ILE A 92 5.20 15.67 -21.77
N GLU A 93 6.51 15.87 -21.63
CA GLU A 93 7.40 15.93 -22.79
C GLU A 93 7.81 14.53 -23.16
N ALA A 94 8.35 14.38 -24.38
CA ALA A 94 8.92 13.12 -24.90
C ALA A 94 10.32 12.97 -24.27
N ASP A 95 10.83 11.73 -24.21
CA ASP A 95 12.18 11.47 -23.68
C ASP A 95 13.24 12.21 -24.54
N ALA A 96 12.98 12.38 -25.86
CA ALA A 96 13.92 13.03 -26.78
C ALA A 96 14.20 14.48 -26.42
N SER A 97 13.16 15.21 -25.96
CA SER A 97 13.29 16.60 -25.55
C SER A 97 13.65 16.77 -24.06
N TYR A 98 13.32 15.76 -23.21
CA TYR A 98 13.59 15.78 -21.76
C TYR A 98 14.23 14.41 -21.45
N PRO A 99 15.55 14.26 -21.71
CA PRO A 99 16.20 12.94 -21.54
C PRO A 99 16.35 12.44 -20.12
N TYR A 100 16.56 11.12 -19.99
CA TYR A 100 16.71 10.48 -18.68
C TYR A 100 18.14 10.64 -18.15
N LYS A 101 18.25 11.20 -16.93
CA LYS A 101 19.50 11.52 -16.23
C LYS A 101 19.83 10.58 -15.04
N ALA A 102 18.80 9.86 -14.52
CA ALA A 102 18.91 8.97 -13.35
C ALA A 102 19.36 9.74 -12.08
N MET A 103 18.90 11.00 -11.94
CA MET A 103 19.17 11.92 -10.84
C MET A 103 17.98 12.83 -10.60
N ASP A 104 17.88 13.42 -9.39
CA ASP A 104 16.86 14.39 -9.04
C ASP A 104 17.35 15.76 -9.54
N GLU A 105 16.61 16.36 -10.49
CA GLU A 105 16.99 17.66 -11.05
C GLU A 105 15.85 18.65 -10.93
N LYS A 106 16.13 19.96 -11.13
CA LYS A 106 15.07 20.95 -11.06
C LYS A 106 14.22 20.83 -12.32
N CYS A 107 12.91 20.91 -12.14
CA CYS A 107 11.92 20.82 -13.19
C CYS A 107 12.18 21.84 -14.31
N HIS A 108 12.20 21.37 -15.56
CA HIS A 108 12.35 22.21 -16.76
C HIS A 108 11.34 21.82 -17.84
N TYR A 109 10.09 21.57 -17.42
CA TYR A 109 9.00 21.24 -18.35
C TYR A 109 8.67 22.44 -19.23
N ASN A 110 8.56 22.19 -20.54
CA ASN A 110 8.26 23.16 -21.59
C ASN A 110 7.12 22.60 -22.45
N SER A 111 5.93 23.20 -22.33
CA SER A 111 4.72 22.81 -23.05
C SER A 111 4.86 22.87 -24.58
N LYS A 112 5.94 23.51 -25.09
CA LYS A 112 6.23 23.62 -26.51
C LYS A 112 6.76 22.29 -27.06
N ASN A 113 7.23 21.41 -26.13
CA ASN A 113 7.76 20.09 -26.44
C ASN A 113 6.86 18.98 -25.87
N ARG A 114 5.63 19.33 -25.42
CA ARG A 114 4.64 18.38 -24.92
C ARG A 114 4.38 17.35 -26.02
N ALA A 115 4.45 16.06 -25.66
CA ALA A 115 4.26 14.97 -26.62
C ALA A 115 3.00 14.18 -26.35
N ALA A 116 2.44 14.30 -25.13
CA ALA A 116 1.26 13.54 -24.72
C ALA A 116 0.48 14.25 -23.64
N THR A 117 -0.82 13.92 -23.52
CA THR A 117 -1.70 14.46 -22.48
C THR A 117 -2.38 13.28 -21.75
N CYS A 118 -3.09 13.58 -20.67
CA CYS A 118 -3.83 12.62 -19.88
C CYS A 118 -5.06 13.32 -19.28
N SER A 119 -6.25 12.76 -19.49
CA SER A 119 -7.48 13.33 -18.91
C SER A 119 -7.84 12.69 -17.56
N ARG A 120 -7.61 11.36 -17.40
CA ARG A 120 -7.94 10.64 -16.17
C ARG A 120 -7.23 9.30 -16.07
N TYR A 121 -7.20 8.72 -14.89
CA TYR A 121 -6.64 7.38 -14.75
C TYR A 121 -7.69 6.50 -14.09
N ILE A 122 -7.62 5.20 -14.39
CA ILE A 122 -8.56 4.21 -13.91
C ILE A 122 -7.80 3.30 -12.99
N GLN A 123 -8.33 3.10 -11.77
CA GLN A 123 -7.77 2.17 -10.79
C GLN A 123 -8.61 0.94 -10.81
N LEU A 124 -7.95 -0.22 -10.89
CA LEU A 124 -8.63 -1.50 -10.93
C LEU A 124 -8.83 -2.04 -9.51
N PRO A 125 -9.79 -2.95 -9.28
CA PRO A 125 -10.02 -3.49 -7.92
C PRO A 125 -8.82 -4.24 -7.32
N PHE A 126 -8.49 -3.94 -6.05
CA PHE A 126 -7.42 -4.60 -5.33
C PHE A 126 -7.50 -6.14 -5.45
N GLY A 127 -6.38 -6.74 -5.83
CA GLY A 127 -6.19 -8.17 -5.98
C GLY A 127 -7.06 -8.89 -6.99
N ASP A 128 -7.70 -8.16 -7.92
CA ASP A 128 -8.58 -8.79 -8.92
C ASP A 128 -7.87 -9.06 -10.26
N GLU A 129 -7.40 -10.31 -10.45
CA GLU A 129 -6.67 -10.76 -11.64
C GLU A 129 -7.57 -10.80 -12.86
N ASP A 130 -8.87 -11.11 -12.68
CA ASP A 130 -9.85 -11.12 -13.76
C ASP A 130 -10.08 -9.71 -14.36
N ALA A 131 -10.12 -8.68 -13.51
CA ALA A 131 -10.26 -7.28 -13.93
C ALA A 131 -8.96 -6.79 -14.61
N LEU A 132 -7.78 -7.22 -14.11
CA LEU A 132 -6.50 -6.84 -14.73
C LEU A 132 -6.41 -7.44 -16.13
N LYS A 133 -6.89 -8.69 -16.30
CA LYS A 133 -6.91 -9.40 -17.59
C LYS A 133 -7.79 -8.67 -18.62
N GLU A 134 -8.99 -8.22 -18.19
CA GLU A 134 -9.91 -7.49 -19.08
C GLU A 134 -9.30 -6.16 -19.51
N ALA A 135 -8.68 -5.42 -18.58
CA ALA A 135 -8.05 -4.13 -18.87
C ALA A 135 -6.87 -4.29 -19.86
N VAL A 136 -5.96 -5.26 -19.60
CA VAL A 136 -4.83 -5.51 -20.51
C VAL A 136 -5.35 -5.86 -21.93
N ALA A 137 -6.39 -6.70 -22.03
CA ALA A 137 -6.94 -7.12 -23.32
C ALA A 137 -7.67 -6.03 -24.09
N THR A 138 -8.49 -5.22 -23.39
CA THR A 138 -9.37 -4.25 -24.03
C THR A 138 -8.92 -2.80 -23.97
N LYS A 139 -8.06 -2.42 -23.01
CA LYS A 139 -7.62 -1.03 -22.85
C LYS A 139 -6.16 -0.79 -23.29
N GLY A 140 -5.31 -1.74 -22.97
CA GLY A 140 -3.89 -1.68 -23.30
C GLY A 140 -3.00 -2.01 -22.12
N PRO A 141 -1.68 -1.69 -22.23
CA PRO A 141 -0.76 -1.94 -21.10
C PRO A 141 -1.18 -1.29 -19.78
N VAL A 142 -0.95 -1.99 -18.65
CA VAL A 142 -1.37 -1.54 -17.32
C VAL A 142 -0.22 -1.44 -16.33
N SER A 143 -0.13 -0.29 -15.63
CA SER A 143 0.85 -0.02 -14.58
C SER A 143 0.43 -0.80 -13.34
N VAL A 144 1.36 -1.59 -12.79
CA VAL A 144 1.12 -2.44 -11.62
C VAL A 144 2.27 -2.32 -10.65
N GLY A 145 2.00 -2.68 -9.40
CA GLY A 145 2.99 -2.78 -8.35
C GLY A 145 3.23 -4.25 -8.08
N ILE A 146 4.51 -4.63 -7.83
CA ILE A 146 4.87 -6.02 -7.51
C ILE A 146 5.88 -6.10 -6.38
N ASP A 147 5.96 -7.26 -5.69
CA ASP A 147 7.04 -7.50 -4.77
C ASP A 147 8.15 -8.04 -5.69
N ALA A 148 9.14 -7.21 -5.97
CA ALA A 148 10.25 -7.60 -6.83
C ALA A 148 11.55 -7.64 -6.05
N SER A 149 11.50 -8.12 -4.79
CA SER A 149 12.68 -8.08 -3.92
C SER A 149 13.42 -9.40 -3.76
N HIS A 150 12.97 -10.48 -4.41
CA HIS A 150 13.58 -11.81 -4.23
C HIS A 150 14.57 -12.17 -5.35
N SER A 151 15.67 -12.92 -5.00
CA SER A 151 16.71 -13.30 -5.96
C SER A 151 16.18 -14.06 -7.18
N SER A 152 15.08 -14.85 -7.04
CA SER A 152 14.49 -15.53 -8.19
C SER A 152 13.88 -14.53 -9.17
N PHE A 153 13.51 -13.32 -8.69
CA PHE A 153 13.00 -12.27 -9.57
C PHE A 153 14.19 -11.62 -10.28
N PHE A 154 15.20 -11.16 -9.51
CA PHE A 154 16.39 -10.48 -10.07
C PHE A 154 17.12 -11.36 -11.07
N PHE A 155 17.25 -12.66 -10.77
CA PHE A 155 18.01 -13.57 -11.62
C PHE A 155 17.15 -14.40 -12.57
N TYR A 156 15.88 -13.98 -12.78
CA TYR A 156 14.95 -14.66 -13.69
C TYR A 156 15.53 -14.63 -15.10
N LYS A 157 15.38 -15.74 -15.85
CA LYS A 157 15.80 -15.77 -17.26
C LYS A 157 14.73 -16.34 -18.20
N SER A 158 13.92 -17.33 -17.77
CA SER A 158 12.90 -17.93 -18.64
C SER A 158 11.82 -18.67 -17.84
N GLY A 159 10.76 -19.09 -18.53
CA GLY A 159 9.64 -19.80 -17.93
C GLY A 159 8.69 -18.85 -17.21
N VAL A 160 7.84 -19.39 -16.34
CA VAL A 160 6.88 -18.59 -15.56
C VAL A 160 7.40 -18.46 -14.12
N TYR A 161 7.65 -17.22 -13.70
CA TYR A 161 8.12 -16.89 -12.35
C TYR A 161 6.98 -17.16 -11.37
N ASP A 162 7.19 -18.14 -10.49
CA ASP A 162 6.23 -18.62 -9.52
C ASP A 162 7.00 -19.03 -8.28
N ASP A 163 7.40 -18.03 -7.52
CA ASP A 163 8.22 -18.15 -6.33
C ASP A 163 7.34 -18.08 -5.08
N PRO A 164 7.33 -19.15 -4.25
CA PRO A 164 6.48 -19.12 -3.04
C PRO A 164 6.97 -18.18 -1.94
N SER A 165 8.19 -17.63 -2.05
CA SER A 165 8.69 -16.66 -1.07
C SER A 165 8.19 -15.25 -1.42
N CYS A 166 7.52 -15.09 -2.60
CA CYS A 166 6.95 -13.78 -3.00
C CYS A 166 5.83 -13.41 -2.06
N THR A 167 5.64 -12.11 -1.80
CA THR A 167 4.62 -11.60 -0.86
C THR A 167 3.70 -10.60 -1.56
N GLY A 168 2.68 -10.11 -0.85
CA GLY A 168 1.79 -9.07 -1.38
C GLY A 168 2.31 -7.67 -1.07
N ASN A 169 3.47 -7.60 -0.38
CA ASN A 169 4.10 -6.36 0.04
C ASN A 169 4.89 -5.76 -1.14
N VAL A 170 4.17 -5.05 -2.02
CA VAL A 170 4.75 -4.47 -3.23
C VAL A 170 5.77 -3.36 -2.94
N ASN A 171 6.76 -3.22 -3.84
CA ASN A 171 7.88 -2.28 -3.70
C ASN A 171 8.43 -1.81 -5.04
N HIS A 172 7.80 -2.21 -6.15
CA HIS A 172 8.37 -1.90 -7.45
C HIS A 172 7.30 -1.82 -8.53
N GLY A 173 7.30 -0.69 -9.22
CA GLY A 173 6.36 -0.39 -10.29
C GLY A 173 6.85 -0.94 -11.62
N VAL A 174 5.99 -1.69 -12.30
CA VAL A 174 6.26 -2.32 -13.61
C VAL A 174 5.08 -2.13 -14.56
N LEU A 175 5.20 -2.70 -15.79
CA LEU A 175 4.13 -2.59 -16.76
C LEU A 175 3.70 -3.91 -17.35
N VAL A 176 2.39 -4.21 -17.22
CA VAL A 176 1.86 -5.43 -17.78
C VAL A 176 1.51 -5.13 -19.22
N VAL A 177 2.19 -5.80 -20.16
CA VAL A 177 1.96 -5.58 -21.61
C VAL A 177 1.21 -6.73 -22.25
N GLY A 178 0.91 -7.75 -21.47
CA GLY A 178 0.18 -8.89 -21.96
C GLY A 178 0.05 -10.01 -20.95
N TYR A 179 -0.42 -11.15 -21.45
CA TYR A 179 -0.63 -12.38 -20.70
C TYR A 179 -0.69 -13.56 -21.65
N GLY A 180 -0.77 -14.74 -21.07
CA GLY A 180 -0.87 -15.98 -21.83
C GLY A 180 -0.75 -17.17 -20.91
N THR A 181 -0.31 -18.31 -21.45
CA THR A 181 -0.10 -19.58 -20.74
C THR A 181 1.15 -20.22 -21.36
N LEU A 182 2.13 -20.56 -20.52
CA LEU A 182 3.38 -21.18 -20.94
C LEU A 182 3.53 -22.47 -20.16
N ASP A 183 3.54 -23.63 -20.89
CA ASP A 183 3.67 -24.99 -20.36
C ASP A 183 2.65 -25.29 -19.24
N GLY A 184 1.39 -24.95 -19.54
CA GLY A 184 0.25 -25.14 -18.65
C GLY A 184 0.17 -24.16 -17.48
N LYS A 185 1.02 -23.11 -17.47
CA LYS A 185 1.04 -22.11 -16.39
C LYS A 185 0.70 -20.69 -16.90
N ASP A 186 -0.47 -20.16 -16.52
CA ASP A 186 -0.88 -18.80 -16.90
C ASP A 186 0.17 -17.78 -16.40
N TYR A 187 0.44 -16.76 -17.23
CA TYR A 187 1.42 -15.74 -16.86
C TYR A 187 0.96 -14.35 -17.24
N TRP A 188 1.60 -13.33 -16.65
CA TRP A 188 1.44 -11.92 -16.99
C TRP A 188 2.75 -11.58 -17.69
N LEU A 189 2.69 -10.89 -18.84
CA LEU A 189 3.87 -10.44 -19.56
C LEU A 189 4.22 -9.07 -19.02
N VAL A 190 5.32 -8.99 -18.25
CA VAL A 190 5.80 -7.79 -17.55
C VAL A 190 7.06 -7.17 -18.16
N LYS A 191 6.96 -5.89 -18.48
CA LYS A 191 8.03 -5.04 -18.97
C LYS A 191 8.66 -4.37 -17.75
N ASN A 192 9.95 -4.64 -17.53
CA ASN A 192 10.69 -4.02 -16.44
C ASN A 192 11.50 -2.83 -16.94
N SER A 193 12.08 -2.03 -16.03
CA SER A 193 12.91 -0.88 -16.34
C SER A 193 14.37 -1.07 -15.84
N TRP A 194 14.87 -2.32 -15.88
CA TRP A 194 16.23 -2.67 -15.47
C TRP A 194 17.14 -3.01 -16.66
N GLY A 195 16.85 -2.37 -17.81
CA GLY A 195 17.61 -2.58 -19.04
C GLY A 195 17.25 -3.87 -19.74
N LEU A 196 17.84 -4.05 -20.92
CA LEU A 196 17.64 -5.25 -21.76
C LEU A 196 18.31 -6.49 -21.20
N ASN A 197 19.30 -6.31 -20.29
CA ASN A 197 20.04 -7.44 -19.73
C ASN A 197 19.38 -8.04 -18.48
N PHE A 198 18.22 -7.49 -18.07
CA PHE A 198 17.42 -8.10 -17.01
C PHE A 198 16.54 -9.10 -17.71
N GLY A 199 16.31 -10.24 -17.07
CA GLY A 199 15.34 -11.26 -17.50
C GLY A 199 15.42 -11.71 -18.94
N ASP A 200 14.25 -11.79 -19.60
CA ASP A 200 14.15 -12.18 -21.01
C ASP A 200 14.01 -10.90 -21.89
N GLN A 201 15.18 -10.28 -22.28
CA GLN A 201 15.29 -9.03 -23.02
C GLN A 201 14.54 -7.85 -22.30
N GLY A 202 14.68 -7.78 -20.96
CA GLY A 202 14.01 -6.74 -20.17
C GLY A 202 12.65 -7.13 -19.61
N TYR A 203 12.14 -8.32 -20.00
CA TYR A 203 10.83 -8.85 -19.63
C TYR A 203 10.89 -10.00 -18.68
N ILE A 204 9.75 -10.20 -18.00
CA ILE A 204 9.51 -11.30 -17.10
C ILE A 204 8.06 -11.81 -17.24
N ARG A 205 7.91 -13.13 -17.30
CA ARG A 205 6.62 -13.81 -17.30
C ARG A 205 6.38 -14.19 -15.85
N MET A 206 5.31 -13.62 -15.23
CA MET A 206 5.00 -13.83 -13.81
C MET A 206 3.69 -14.58 -13.65
N ALA A 207 3.61 -15.49 -12.68
CA ALA A 207 2.44 -16.32 -12.42
C ALA A 207 1.13 -15.51 -12.34
N ARG A 208 0.15 -15.91 -13.17
CA ARG A 208 -1.19 -15.33 -13.26
C ARG A 208 -2.18 -16.41 -12.80
N ASN A 209 -3.25 -15.98 -12.10
CA ASN A 209 -4.30 -16.82 -11.53
C ASN A 209 -3.78 -17.69 -10.38
N ASN A 210 -2.66 -17.26 -9.79
CA ASN A 210 -2.05 -17.96 -8.68
C ASN A 210 -2.09 -17.12 -7.39
N LYS A 211 -3.33 -16.78 -6.93
CA LYS A 211 -3.62 -16.09 -5.67
C LYS A 211 -2.91 -14.70 -5.50
N ASN A 212 -2.97 -13.86 -6.54
CA ASN A 212 -2.38 -12.52 -6.59
C ASN A 212 -0.85 -12.59 -6.29
N HIS A 213 -0.16 -13.50 -7.00
CA HIS A 213 1.27 -13.77 -6.82
C HIS A 213 2.09 -12.47 -6.94
N CYS A 214 2.92 -12.16 -5.91
CA CYS A 214 3.78 -10.94 -5.84
C CYS A 214 2.96 -9.63 -5.70
N GLY A 215 1.67 -9.73 -5.38
CA GLY A 215 0.75 -8.59 -5.29
C GLY A 215 0.55 -7.87 -6.61
N ILE A 216 0.73 -8.59 -7.76
CA ILE A 216 0.64 -8.03 -9.11
C ILE A 216 -0.73 -7.36 -9.40
N ALA A 217 -1.84 -7.89 -8.84
CA ALA A 217 -3.18 -7.33 -9.08
C ALA A 217 -3.64 -6.37 -7.97
N SER A 218 -2.78 -6.10 -6.99
CA SER A 218 -3.10 -5.24 -5.84
C SER A 218 -3.32 -3.76 -6.17
N TYR A 219 -2.39 -3.13 -6.91
CA TYR A 219 -2.35 -1.71 -7.22
C TYR A 219 -2.19 -1.41 -8.74
N CYS A 220 -3.24 -1.69 -9.50
CA CYS A 220 -3.27 -1.54 -10.95
C CYS A 220 -3.96 -0.29 -11.41
N SER A 221 -3.36 0.37 -12.40
CA SER A 221 -3.88 1.61 -12.98
C SER A 221 -3.41 1.79 -14.39
N TYR A 222 -4.19 2.54 -15.17
CA TYR A 222 -3.90 2.88 -16.55
C TYR A 222 -4.48 4.24 -16.86
N PRO A 223 -3.81 5.04 -17.71
CA PRO A 223 -4.31 6.37 -18.00
C PRO A 223 -5.27 6.36 -19.17
N GLU A 224 -5.96 7.47 -19.31
CA GLU A 224 -6.88 7.66 -20.40
C GLU A 224 -6.60 9.07 -20.94
N ILE A 225 -6.40 9.18 -22.26
CA ILE A 225 -6.17 10.47 -22.94
C ILE A 225 -7.53 11.10 -23.31
N LEU B 8 10.39 12.87 27.54
CA LEU B 8 9.53 12.72 26.37
C LEU B 8 10.14 13.39 25.13
N PRO B 9 10.54 12.61 24.09
CA PRO B 9 11.10 13.24 22.87
C PRO B 9 10.09 14.14 22.13
N ASP B 10 10.61 15.07 21.31
CA ASP B 10 9.84 16.01 20.48
C ASP B 10 8.94 15.23 19.50
N THR B 11 9.54 14.23 18.82
CA THR B 11 8.85 13.40 17.87
C THR B 11 9.22 11.92 18.07
N VAL B 12 8.19 11.05 18.00
CA VAL B 12 8.29 9.59 18.10
C VAL B 12 7.59 8.99 16.86
N ASP B 13 8.15 7.87 16.37
CA ASP B 13 7.68 7.09 15.23
C ASP B 13 8.27 5.68 15.45
N TRP B 14 7.41 4.68 15.79
CA TRP B 14 7.83 3.29 16.10
C TRP B 14 8.39 2.51 14.92
N ARG B 15 8.21 3.03 13.70
CA ARG B 15 8.75 2.44 12.47
C ARG B 15 10.30 2.47 12.54
N GLU B 16 10.86 3.56 13.13
CA GLU B 16 12.30 3.82 13.35
C GLU B 16 12.97 2.69 14.16
N LYS B 17 12.20 1.96 14.99
CA LYS B 17 12.68 0.85 15.81
C LYS B 17 12.20 -0.52 15.30
N GLY B 18 11.60 -0.53 14.10
CA GLY B 18 11.07 -1.72 13.46
C GLY B 18 9.96 -2.44 14.22
N CYS B 19 9.09 -1.66 14.91
CA CYS B 19 7.99 -2.23 15.72
C CYS B 19 6.63 -2.22 15.00
N VAL B 20 6.60 -1.71 13.75
CA VAL B 20 5.36 -1.63 12.97
C VAL B 20 5.43 -2.53 11.72
N THR B 21 4.45 -3.45 11.54
CA THR B 21 4.40 -4.33 10.36
C THR B 21 3.92 -3.56 9.13
N GLU B 22 3.86 -4.25 7.97
CA GLU B 22 3.42 -3.67 6.70
C GLU B 22 1.92 -3.31 6.77
N VAL B 23 1.54 -2.17 6.17
CA VAL B 23 0.15 -1.70 6.10
C VAL B 23 -0.72 -2.80 5.46
N LYS B 24 -1.87 -3.09 6.06
CA LYS B 24 -2.77 -4.16 5.59
C LYS B 24 -3.98 -3.56 4.90
N TYR B 25 -4.73 -4.38 4.15
CA TYR B 25 -5.92 -3.97 3.42
C TYR B 25 -7.08 -4.85 3.89
N GLN B 26 -8.05 -4.25 4.62
CA GLN B 26 -9.14 -5.02 5.22
C GLN B 26 -10.21 -5.49 4.23
N GLY B 27 -10.30 -4.82 3.10
CA GLY B 27 -11.31 -5.13 2.10
C GLY B 27 -12.71 -4.80 2.60
N SER B 28 -13.69 -5.60 2.15
CA SER B 28 -15.11 -5.46 2.48
C SER B 28 -15.48 -6.25 3.75
N CYS B 29 -14.69 -6.12 4.78
CA CYS B 29 -14.92 -6.76 6.05
C CYS B 29 -14.60 -5.70 7.07
N GLY B 30 -15.52 -5.46 7.98
CA GLY B 30 -15.32 -4.45 9.02
C GLY B 30 -14.41 -4.96 10.11
N ALA B 31 -13.16 -5.29 9.73
CA ALA B 31 -12.14 -5.83 10.65
C ALA B 31 -11.07 -4.84 11.07
N CYS B 32 -11.35 -3.52 10.97
CA CYS B 32 -10.40 -2.49 11.40
C CYS B 32 -9.93 -2.76 12.85
N TRP B 33 -10.89 -3.10 13.74
CA TRP B 33 -10.67 -3.42 15.16
C TRP B 33 -9.65 -4.58 15.33
N ALA B 34 -9.75 -5.63 14.47
CA ALA B 34 -8.85 -6.78 14.53
C ALA B 34 -7.45 -6.44 14.01
N PHE B 35 -7.35 -5.53 13.02
CA PHE B 35 -6.05 -5.08 12.51
C PHE B 35 -5.36 -4.16 13.53
N SER B 36 -6.14 -3.26 14.16
CA SER B 36 -5.67 -2.34 15.19
C SER B 36 -5.12 -3.12 16.41
N ALA B 37 -5.84 -4.18 16.84
CA ALA B 37 -5.47 -5.07 17.96
C ALA B 37 -4.20 -5.88 17.66
N VAL B 38 -4.14 -6.57 16.49
CA VAL B 38 -2.97 -7.34 16.10
C VAL B 38 -1.74 -6.44 15.95
N GLY B 39 -1.92 -5.23 15.40
CA GLY B 39 -0.86 -4.25 15.22
C GLY B 39 -0.19 -3.88 16.54
N ALA B 40 -1.00 -3.52 17.56
CA ALA B 40 -0.52 -3.19 18.90
C ALA B 40 0.27 -4.38 19.51
N LEU B 41 -0.25 -5.60 19.36
CA LEU B 41 0.39 -6.82 19.85
C LEU B 41 1.69 -7.15 19.10
N GLU B 42 1.74 -6.81 17.80
CA GLU B 42 2.93 -6.97 16.97
C GLU B 42 4.03 -6.05 17.52
N GLY B 43 3.64 -4.86 17.98
CA GLY B 43 4.55 -3.88 18.58
C GLY B 43 5.24 -4.46 19.80
N GLN B 44 4.44 -5.05 20.71
CA GLN B 44 4.87 -5.70 21.94
C GLN B 44 5.71 -6.95 21.70
N LEU B 45 5.25 -7.85 20.78
CA LEU B 45 5.96 -9.08 20.40
C LEU B 45 7.37 -8.77 19.86
N LYS B 46 7.53 -7.65 19.13
CA LYS B 46 8.81 -7.16 18.62
C LYS B 46 9.66 -6.60 19.77
N LEU B 47 9.07 -5.71 20.62
CA LEU B 47 9.79 -5.14 21.77
C LEU B 47 10.26 -6.20 22.76
N LYS B 48 9.59 -7.37 22.79
CA LYS B 48 9.93 -8.49 23.68
C LYS B 48 10.85 -9.55 23.06
N THR B 49 10.42 -10.16 21.94
CA THR B 49 11.16 -11.24 21.28
C THR B 49 12.05 -10.81 20.09
N GLY B 50 12.12 -9.50 19.81
CA GLY B 50 12.91 -8.97 18.69
C GLY B 50 12.39 -9.33 17.31
N LYS B 51 11.40 -10.24 17.26
CA LYS B 51 10.74 -10.79 16.07
C LYS B 51 9.52 -9.95 15.65
N LEU B 52 9.52 -9.46 14.40
CA LEU B 52 8.40 -8.70 13.86
C LEU B 52 7.62 -9.61 12.92
N ILE B 53 6.48 -10.12 13.41
CA ILE B 53 5.58 -11.05 12.70
C ILE B 53 4.16 -10.45 12.62
N SER B 54 3.51 -10.52 11.44
CA SER B 54 2.13 -10.08 11.24
C SER B 54 1.19 -11.11 11.87
N LEU B 55 0.37 -10.64 12.81
CA LEU B 55 -0.55 -11.52 13.52
C LEU B 55 -1.90 -11.67 12.82
N SER B 56 -2.58 -12.79 13.08
CA SER B 56 -3.85 -13.13 12.46
C SER B 56 -5.05 -12.31 12.94
N ALA B 57 -5.48 -11.37 12.10
CA ALA B 57 -6.70 -10.58 12.32
C ALA B 57 -7.90 -11.52 12.08
N GLN B 58 -7.72 -12.53 11.18
CA GLN B 58 -8.76 -13.53 10.87
C GLN B 58 -9.12 -14.40 12.07
N ASN B 59 -8.12 -14.71 12.92
CA ASN B 59 -8.29 -15.45 14.16
C ASN B 59 -9.22 -14.64 15.07
N LEU B 60 -8.99 -13.32 15.13
CA LEU B 60 -9.84 -12.45 15.93
C LEU B 60 -11.27 -12.40 15.38
N VAL B 61 -11.42 -12.25 14.04
CA VAL B 61 -12.72 -12.19 13.35
C VAL B 61 -13.55 -13.48 13.60
N ASP B 62 -12.94 -14.64 13.36
CA ASP B 62 -13.62 -15.94 13.47
C ASP B 62 -13.89 -16.46 14.87
N CYS B 63 -13.06 -16.11 15.86
CA CYS B 63 -13.17 -16.74 17.17
C CYS B 63 -13.70 -15.85 18.32
N SER B 64 -13.80 -14.52 18.15
CA SER B 64 -14.34 -13.66 19.20
C SER B 64 -15.76 -13.18 18.86
N ASN B 65 -16.38 -13.76 17.82
CA ASN B 65 -17.73 -13.41 17.39
C ASN B 65 -18.77 -14.11 18.28
N GLU B 66 -18.99 -13.54 19.49
CA GLU B 66 -19.96 -14.01 20.47
C GLU B 66 -20.22 -12.95 21.54
N GLU B 67 -21.43 -12.98 22.15
CA GLU B 67 -21.92 -12.04 23.19
C GLU B 67 -20.87 -11.75 24.29
N LYS B 68 -20.10 -12.78 24.68
CA LYS B 68 -19.02 -12.77 25.66
C LYS B 68 -18.01 -11.62 25.40
N TYR B 69 -17.74 -11.33 24.12
CA TYR B 69 -16.83 -10.27 23.69
C TYR B 69 -17.52 -9.05 23.12
N GLY B 70 -18.69 -9.24 22.53
CA GLY B 70 -19.39 -8.16 21.85
C GLY B 70 -18.73 -7.79 20.54
N ASN B 71 -17.84 -8.68 20.01
CA ASN B 71 -17.21 -8.52 18.69
C ASN B 71 -18.13 -9.23 17.72
N LYS B 72 -18.20 -8.73 16.49
CA LYS B 72 -19.14 -9.22 15.48
C LYS B 72 -18.46 -9.59 14.17
N GLY B 73 -17.18 -9.93 14.25
CA GLY B 73 -16.35 -10.31 13.11
C GLY B 73 -16.27 -9.18 12.10
N CYS B 74 -16.76 -9.45 10.87
CA CYS B 74 -16.83 -8.46 9.79
C CYS B 74 -17.84 -7.35 10.06
N GLY B 75 -18.67 -7.53 11.11
CA GLY B 75 -19.64 -6.53 11.55
C GLY B 75 -19.06 -5.51 12.52
N GLY B 76 -17.77 -5.60 12.83
CA GLY B 76 -17.13 -4.67 13.76
C GLY B 76 -16.82 -5.31 15.09
N GLY B 77 -16.08 -4.58 15.93
CA GLY B 77 -15.62 -5.09 17.21
C GLY B 77 -14.77 -4.12 17.99
N TYR B 78 -14.21 -4.58 19.08
CA TYR B 78 -13.40 -3.75 19.97
C TYR B 78 -12.05 -4.35 20.16
N MET B 79 -11.01 -3.50 20.09
CA MET B 79 -9.62 -3.89 20.28
C MET B 79 -9.37 -4.45 21.72
N THR B 80 -10.00 -3.87 22.75
CA THR B 80 -9.84 -4.32 24.15
C THR B 80 -10.40 -5.76 24.30
N GLU B 81 -11.54 -6.01 23.65
CA GLU B 81 -12.20 -7.32 23.63
C GLU B 81 -11.47 -8.33 22.76
N ALA B 82 -10.71 -7.86 21.74
CA ALA B 82 -9.86 -8.71 20.91
C ALA B 82 -8.66 -9.16 21.81
N PHE B 83 -8.09 -8.25 22.63
CA PHE B 83 -7.03 -8.57 23.60
C PHE B 83 -7.60 -9.53 24.62
N GLN B 84 -8.86 -9.31 25.06
CA GLN B 84 -9.53 -10.21 26.01
C GLN B 84 -9.59 -11.63 25.46
N TYR B 85 -10.01 -11.78 24.18
CA TYR B 85 -10.08 -13.08 23.51
C TYR B 85 -8.72 -13.79 23.56
N ILE B 86 -7.62 -13.08 23.23
CA ILE B 86 -6.26 -13.62 23.25
C ILE B 86 -5.88 -14.12 24.67
N ILE B 87 -6.22 -13.34 25.73
CA ILE B 87 -5.99 -13.71 27.13
C ILE B 87 -6.73 -15.03 27.45
N ASP B 88 -8.07 -15.03 27.27
CA ASP B 88 -8.98 -16.15 27.52
C ASP B 88 -8.56 -17.42 26.76
N ASN B 89 -8.32 -17.27 25.44
CA ASN B 89 -7.93 -18.34 24.53
C ASN B 89 -6.53 -18.90 24.79
N GLY B 90 -5.70 -18.10 25.45
CA GLY B 90 -4.32 -18.46 25.77
C GLY B 90 -3.36 -18.31 24.60
N GLY B 91 -3.78 -17.60 23.55
CA GLY B 91 -2.95 -17.38 22.38
C GLY B 91 -3.69 -17.01 21.11
N ILE B 92 -2.91 -16.51 20.12
CA ILE B 92 -3.35 -16.09 18.79
C ILE B 92 -2.33 -16.61 17.75
N GLU B 93 -2.82 -17.05 16.58
CA GLU B 93 -1.94 -17.53 15.51
C GLU B 93 -1.34 -16.32 14.77
N ALA B 94 -0.33 -16.58 13.93
CA ALA B 94 0.27 -15.55 13.09
C ALA B 94 -0.56 -15.56 11.81
N ASP B 95 -0.54 -14.45 11.05
CA ASP B 95 -1.26 -14.32 9.79
C ASP B 95 -0.89 -15.44 8.80
N ALA B 96 0.38 -15.90 8.81
CA ALA B 96 0.86 -16.95 7.92
C ALA B 96 0.13 -18.28 8.09
N SER B 97 -0.14 -18.71 9.35
CA SER B 97 -0.84 -19.98 9.62
C SER B 97 -2.38 -19.83 9.70
N TYR B 98 -2.88 -18.57 9.81
CA TYR B 98 -4.31 -18.25 9.88
C TYR B 98 -4.52 -17.01 8.97
N PRO B 99 -4.57 -17.22 7.62
CA PRO B 99 -4.63 -16.07 6.70
C PRO B 99 -5.91 -15.27 6.68
N TYR B 100 -5.81 -13.99 6.29
CA TYR B 100 -6.92 -13.05 6.21
C TYR B 100 -7.76 -13.29 4.95
N LYS B 101 -9.06 -13.56 5.14
CA LYS B 101 -10.00 -13.85 4.05
C LYS B 101 -11.05 -12.76 3.83
N ALA B 102 -11.12 -11.74 4.73
CA ALA B 102 -12.10 -10.64 4.71
C ALA B 102 -13.55 -11.17 4.70
N MET B 103 -13.81 -12.28 5.41
CA MET B 103 -15.11 -12.96 5.56
C MET B 103 -15.25 -13.54 6.96
N ASP B 104 -16.49 -13.81 7.40
CA ASP B 104 -16.73 -14.47 8.68
C ASP B 104 -16.68 -15.97 8.42
N GLU B 105 -15.81 -16.67 9.14
CA GLU B 105 -15.62 -18.11 8.96
C GLU B 105 -15.63 -18.81 10.29
N LYS B 106 -15.91 -20.13 10.28
CA LYS B 106 -15.90 -20.94 11.51
C LYS B 106 -14.52 -20.89 12.14
N CYS B 107 -14.46 -20.67 13.46
CA CYS B 107 -13.17 -20.60 14.16
C CYS B 107 -12.35 -21.88 13.93
N HIS B 108 -11.06 -21.73 13.57
CA HIS B 108 -10.18 -22.88 13.35
C HIS B 108 -8.81 -22.68 14.03
N TYR B 109 -8.81 -21.96 15.19
CA TYR B 109 -7.60 -21.74 15.99
C TYR B 109 -6.99 -23.09 16.41
N ASN B 110 -5.69 -23.20 16.20
CA ASN B 110 -4.91 -24.38 16.54
C ASN B 110 -3.78 -23.93 17.47
N SER B 111 -3.79 -24.43 18.71
CA SER B 111 -2.82 -24.09 19.76
C SER B 111 -1.34 -24.36 19.37
N LYS B 112 -1.08 -25.31 18.44
CA LYS B 112 0.27 -25.61 17.96
C LYS B 112 0.88 -24.45 17.16
N ASN B 113 0.02 -23.66 16.46
CA ASN B 113 0.45 -22.54 15.61
C ASN B 113 0.46 -21.17 16.31
N ARG B 114 0.37 -21.18 17.66
CA ARG B 114 0.40 -20.01 18.53
C ARG B 114 1.69 -19.20 18.31
N ALA B 115 1.55 -17.93 17.87
CA ALA B 115 2.69 -17.05 17.61
C ALA B 115 2.81 -15.93 18.63
N ALA B 116 1.73 -15.69 19.40
CA ALA B 116 1.69 -14.66 20.44
C ALA B 116 0.70 -15.00 21.54
N THR B 117 0.94 -14.42 22.72
CA THR B 117 0.10 -14.52 23.91
C THR B 117 -0.15 -13.11 24.44
N CYS B 118 -1.11 -12.99 25.35
CA CYS B 118 -1.44 -11.75 26.04
C CYS B 118 -1.79 -12.08 27.50
N SER B 119 -1.13 -11.43 28.46
CA SER B 119 -1.41 -11.65 29.88
C SER B 119 -2.45 -10.65 30.40
N ARG B 120 -2.39 -9.40 29.90
CA ARG B 120 -3.33 -8.34 30.29
C ARG B 120 -3.28 -7.20 29.27
N TYR B 121 -4.19 -6.25 29.41
CA TYR B 121 -4.17 -5.09 28.55
C TYR B 121 -4.35 -3.84 29.36
N ILE B 122 -3.76 -2.74 28.90
CA ILE B 122 -3.80 -1.47 29.60
C ILE B 122 -4.67 -0.50 28.85
N GLN B 123 -5.48 0.25 29.58
CA GLN B 123 -6.33 1.29 29.06
C GLN B 123 -5.82 2.64 29.58
N LEU B 124 -5.73 3.64 28.67
CA LEU B 124 -5.28 4.97 29.03
C LEU B 124 -6.49 5.85 29.43
N PRO B 125 -6.30 6.92 30.26
CA PRO B 125 -7.46 7.75 30.64
C PRO B 125 -8.04 8.44 29.41
N PHE B 126 -9.37 8.52 29.36
CA PHE B 126 -10.17 9.13 28.31
C PHE B 126 -9.82 10.63 28.11
N GLY B 127 -9.68 11.03 26.85
CA GLY B 127 -9.37 12.41 26.44
C GLY B 127 -7.98 12.90 26.78
N ASP B 128 -7.14 12.03 27.36
CA ASP B 128 -5.78 12.36 27.80
C ASP B 128 -4.73 12.11 26.70
N GLU B 129 -4.36 13.20 26.02
CA GLU B 129 -3.36 13.22 24.96
C GLU B 129 -1.97 13.16 25.58
N ASP B 130 -1.81 13.67 26.83
CA ASP B 130 -0.52 13.59 27.54
C ASP B 130 -0.21 12.12 27.87
N ALA B 131 -1.21 11.37 28.41
CA ALA B 131 -1.07 9.93 28.72
C ALA B 131 -0.86 9.11 27.45
N LEU B 132 -1.44 9.56 26.30
CA LEU B 132 -1.27 8.88 25.03
C LEU B 132 0.16 9.06 24.52
N LYS B 133 0.71 10.29 24.59
CA LYS B 133 2.11 10.51 24.16
C LYS B 133 3.08 9.78 25.08
N GLU B 134 2.76 9.74 26.39
CA GLU B 134 3.51 9.01 27.42
C GLU B 134 3.57 7.52 27.02
N ALA B 135 2.41 6.92 26.72
CA ALA B 135 2.33 5.51 26.31
C ALA B 135 3.00 5.21 24.97
N VAL B 136 2.96 6.17 24.02
CA VAL B 136 3.59 5.95 22.72
C VAL B 136 5.10 6.05 22.87
N ALA B 137 5.60 7.12 23.52
CA ALA B 137 7.03 7.30 23.72
C ALA B 137 7.69 6.23 24.62
N THR B 138 6.95 5.65 25.58
CA THR B 138 7.57 4.70 26.52
C THR B 138 7.15 3.23 26.41
N LYS B 139 5.95 2.92 25.89
CA LYS B 139 5.46 1.53 25.85
C LYS B 139 5.47 0.89 24.47
N GLY B 140 4.94 1.60 23.47
CA GLY B 140 4.87 1.10 22.11
C GLY B 140 3.66 1.60 21.35
N PRO B 141 3.37 1.04 20.16
CA PRO B 141 2.18 1.48 19.41
C PRO B 141 0.89 1.24 20.21
N VAL B 142 -0.05 2.22 20.20
CA VAL B 142 -1.31 2.14 20.96
C VAL B 142 -2.52 2.00 20.02
N SER B 143 -3.45 1.07 20.34
CA SER B 143 -4.71 0.88 19.62
C SER B 143 -5.66 2.01 20.03
N VAL B 144 -6.26 2.69 19.06
CA VAL B 144 -7.18 3.81 19.31
C VAL B 144 -8.41 3.75 18.39
N GLY B 145 -9.47 4.42 18.84
CA GLY B 145 -10.70 4.62 18.09
C GLY B 145 -10.72 6.03 17.55
N ILE B 146 -11.20 6.23 16.31
CA ILE B 146 -11.29 7.56 15.67
C ILE B 146 -12.57 7.68 14.87
N ASP B 147 -13.02 8.92 14.64
CA ASP B 147 -14.15 9.18 13.76
C ASP B 147 -13.44 9.33 12.39
N ALA B 148 -13.55 8.29 11.53
CA ALA B 148 -12.92 8.22 10.22
C ALA B 148 -13.96 8.26 9.08
N SER B 149 -15.12 8.88 9.32
CA SER B 149 -16.26 8.90 8.40
C SER B 149 -16.36 10.11 7.45
N HIS B 150 -15.43 11.06 7.53
CA HIS B 150 -15.50 12.26 6.67
C HIS B 150 -14.63 12.14 5.45
N SER B 151 -15.09 12.67 4.27
CA SER B 151 -14.28 12.59 3.04
C SER B 151 -12.89 13.18 3.21
N SER B 152 -12.74 14.17 4.09
CA SER B 152 -11.43 14.78 4.38
C SER B 152 -10.47 13.74 4.93
N PHE B 153 -10.99 12.74 5.68
CA PHE B 153 -10.23 11.61 6.20
C PHE B 153 -9.91 10.64 5.06
N PHE B 154 -10.93 10.16 4.30
CA PHE B 154 -10.71 9.18 3.22
C PHE B 154 -9.76 9.72 2.17
N PHE B 155 -9.91 11.01 1.81
CA PHE B 155 -9.11 11.66 0.77
C PHE B 155 -7.94 12.47 1.32
N TYR B 156 -7.51 12.17 2.59
CA TYR B 156 -6.34 12.83 3.19
C TYR B 156 -5.08 12.46 2.39
N LYS B 157 -4.15 13.42 2.25
CA LYS B 157 -2.89 13.18 1.52
C LYS B 157 -1.64 13.58 2.27
N SER B 158 -1.64 14.80 2.87
CA SER B 158 -0.50 15.34 3.62
C SER B 158 -0.97 16.40 4.62
N GLY B 159 -0.06 16.86 5.46
CA GLY B 159 -0.34 17.85 6.48
C GLY B 159 -0.90 17.22 7.75
N VAL B 160 -1.63 18.02 8.52
CA VAL B 160 -2.24 17.59 9.78
C VAL B 160 -3.74 17.70 9.66
N TYR B 161 -4.41 16.55 9.69
CA TYR B 161 -5.84 16.44 9.59
C TYR B 161 -6.52 17.17 10.76
N ASP B 162 -6.99 18.39 10.48
CA ASP B 162 -7.64 19.24 11.46
C ASP B 162 -8.96 19.74 10.88
N ASP B 163 -9.89 18.81 10.67
CA ASP B 163 -11.19 19.15 10.13
C ASP B 163 -12.13 19.47 11.28
N PRO B 164 -12.68 20.72 11.35
CA PRO B 164 -13.62 21.03 12.44
C PRO B 164 -14.92 20.23 12.36
N SER B 165 -15.15 19.53 11.23
CA SER B 165 -16.32 18.69 11.01
C SER B 165 -16.13 17.33 11.70
N CYS B 166 -14.89 17.00 12.12
CA CYS B 166 -14.64 15.77 12.83
C CYS B 166 -15.20 15.86 14.25
N THR B 167 -15.66 14.72 14.78
CA THR B 167 -16.28 14.61 16.11
C THR B 167 -15.53 13.60 16.98
N GLY B 168 -15.98 13.47 18.23
CA GLY B 168 -15.45 12.48 19.18
C GLY B 168 -16.24 11.18 19.12
N ASN B 169 -17.18 11.07 18.15
CA ASN B 169 -18.03 9.91 17.92
C ASN B 169 -17.32 8.91 16.98
N VAL B 170 -16.36 8.17 17.57
CA VAL B 170 -15.46 7.22 16.91
C VAL B 170 -16.22 6.03 16.27
N ASN B 171 -15.70 5.49 15.16
CA ASN B 171 -16.33 4.37 14.45
C ASN B 171 -15.29 3.46 13.77
N HIS B 172 -14.00 3.78 13.97
CA HIS B 172 -12.89 3.10 13.28
C HIS B 172 -11.65 2.86 14.16
N GLY B 173 -11.21 1.61 14.22
CA GLY B 173 -10.02 1.21 14.95
C GLY B 173 -8.78 1.35 14.08
N VAL B 174 -7.79 2.05 14.62
CA VAL B 174 -6.50 2.33 13.98
C VAL B 174 -5.39 2.19 15.02
N LEU B 175 -4.12 2.41 14.63
CA LEU B 175 -2.98 2.26 15.52
C LEU B 175 -2.15 3.55 15.55
N VAL B 176 -1.99 4.17 16.74
CA VAL B 176 -1.13 5.35 16.90
C VAL B 176 0.27 4.79 17.04
N VAL B 177 1.15 5.12 16.08
CA VAL B 177 2.53 4.64 16.09
C VAL B 177 3.53 5.80 16.34
N GLY B 178 3.00 6.98 16.69
CA GLY B 178 3.89 8.11 16.94
C GLY B 178 3.21 9.45 17.07
N TYR B 179 4.02 10.50 17.24
CA TYR B 179 3.54 11.87 17.36
C TYR B 179 4.60 12.85 16.86
N GLY B 180 4.27 14.14 16.90
CA GLY B 180 5.17 15.20 16.48
C GLY B 180 4.52 16.54 16.28
N THR B 181 5.27 17.46 15.68
CA THR B 181 4.83 18.80 15.35
C THR B 181 5.32 19.13 13.97
N LEU B 182 4.38 19.26 13.04
CA LEU B 182 4.69 19.60 11.66
C LEU B 182 4.22 21.04 11.46
N ASP B 183 5.18 21.96 11.26
CA ASP B 183 4.97 23.39 11.01
C ASP B 183 4.01 24.08 12.02
N GLY B 184 4.35 23.98 13.30
CA GLY B 184 3.58 24.60 14.38
C GLY B 184 2.34 23.84 14.82
N LYS B 185 1.93 22.82 14.06
CA LYS B 185 0.75 22.01 14.43
C LYS B 185 1.16 20.63 14.92
N ASP B 186 0.73 20.29 16.14
CA ASP B 186 0.97 19.00 16.80
C ASP B 186 0.10 17.92 16.12
N TYR B 187 0.70 16.76 15.82
CA TYR B 187 -0.02 15.64 15.22
C TYR B 187 0.24 14.32 15.94
N TRP B 188 -0.63 13.32 15.70
CA TRP B 188 -0.54 11.91 16.10
C TRP B 188 -0.34 11.14 14.80
N LEU B 189 0.68 10.29 14.75
CA LEU B 189 0.94 9.46 13.59
C LEU B 189 0.09 8.21 13.69
N VAL B 190 -0.84 8.04 12.74
CA VAL B 190 -1.79 6.94 12.73
C VAL B 190 -1.60 6.00 11.52
N LYS B 191 -1.51 4.69 11.81
CA LYS B 191 -1.46 3.61 10.85
C LYS B 191 -2.89 3.10 10.58
N ASN B 192 -3.32 3.16 9.32
CA ASN B 192 -4.65 2.68 8.95
C ASN B 192 -4.53 1.26 8.34
N SER B 193 -5.67 0.56 8.11
CA SER B 193 -5.69 -0.77 7.50
C SER B 193 -6.48 -0.76 6.18
N TRP B 194 -6.27 0.29 5.38
CA TRP B 194 -6.96 0.46 4.09
C TRP B 194 -6.03 0.33 2.91
N GLY B 195 -4.91 -0.35 3.10
CA GLY B 195 -3.92 -0.53 2.04
C GLY B 195 -3.05 0.69 1.82
N LEU B 196 -2.07 0.57 0.93
CA LEU B 196 -1.11 1.62 0.67
C LEU B 196 -1.60 2.83 -0.16
N ASN B 197 -2.81 2.75 -0.75
CA ASN B 197 -3.42 3.86 -1.53
C ASN B 197 -3.85 4.99 -0.61
N PHE B 198 -4.28 4.63 0.62
CA PHE B 198 -4.76 5.56 1.64
C PHE B 198 -3.69 6.51 2.13
N GLY B 199 -4.12 7.74 2.40
CA GLY B 199 -3.34 8.83 2.98
C GLY B 199 -1.92 8.96 2.50
N ASP B 200 -1.01 9.01 3.46
CA ASP B 200 0.43 9.12 3.22
C ASP B 200 1.04 7.74 3.45
N GLN B 201 1.10 6.90 2.39
CA GLN B 201 1.64 5.52 2.41
C GLN B 201 0.88 4.58 3.40
N GLY B 202 -0.40 4.87 3.65
CA GLY B 202 -1.25 4.09 4.54
C GLY B 202 -1.42 4.76 5.89
N TYR B 203 -0.75 5.93 6.07
CA TYR B 203 -0.71 6.72 7.29
C TYR B 203 -1.41 8.05 7.18
N ILE B 204 -1.79 8.59 8.32
CA ILE B 204 -2.47 9.87 8.44
C ILE B 204 -1.96 10.58 9.72
N ARG B 205 -1.68 11.89 9.62
CA ARG B 205 -1.24 12.72 10.73
C ARG B 205 -2.47 13.49 11.19
N MET B 206 -2.93 13.23 12.41
CA MET B 206 -4.15 13.80 12.96
C MET B 206 -3.89 14.77 14.11
N ALA B 207 -4.62 15.90 14.11
CA ALA B 207 -4.54 16.98 15.11
C ALA B 207 -4.39 16.49 16.58
N ARG B 208 -3.24 16.86 17.18
CA ARG B 208 -2.85 16.55 18.57
C ARG B 208 -3.04 17.83 19.44
N ASN B 209 -3.48 17.66 20.71
CA ASN B 209 -3.76 18.72 21.69
C ASN B 209 -4.84 19.70 21.15
N ASN B 210 -5.80 19.14 20.38
CA ASN B 210 -6.85 19.89 19.71
C ASN B 210 -8.25 19.49 20.10
N LYS B 211 -8.58 19.63 21.39
CA LYS B 211 -9.88 19.31 22.00
C LYS B 211 -10.31 17.85 21.75
N ASN B 212 -9.28 16.95 21.70
CA ASN B 212 -9.44 15.50 21.47
C ASN B 212 -10.03 15.28 20.06
N HIS B 213 -9.29 15.76 19.03
CA HIS B 213 -9.68 15.72 17.61
C HIS B 213 -9.86 14.31 17.07
N CYS B 214 -11.09 14.02 16.62
CA CYS B 214 -11.57 12.75 16.04
C CYS B 214 -11.66 11.63 17.09
N GLY B 215 -11.51 11.99 18.36
CA GLY B 215 -11.55 11.05 19.48
C GLY B 215 -10.32 10.18 19.58
N ILE B 216 -9.23 10.59 18.93
CA ILE B 216 -7.98 9.85 18.89
C ILE B 216 -7.46 9.41 20.29
N ALA B 217 -7.59 10.25 21.33
CA ALA B 217 -7.12 9.89 22.69
C ALA B 217 -8.25 9.40 23.63
N SER B 218 -9.43 9.11 23.05
CA SER B 218 -10.61 8.63 23.77
C SER B 218 -10.57 7.15 24.26
N TYR B 219 -10.29 6.20 23.34
CA TYR B 219 -10.32 4.75 23.64
C TYR B 219 -8.98 4.09 23.33
N CYS B 220 -7.98 4.46 24.13
CA CYS B 220 -6.63 3.97 23.98
C CYS B 220 -6.42 2.72 24.79
N SER B 221 -5.74 1.74 24.18
CA SER B 221 -5.38 0.48 24.80
C SER B 221 -4.19 -0.16 24.10
N TYR B 222 -3.42 -0.95 24.85
CA TYR B 222 -2.29 -1.70 24.36
C TYR B 222 -2.12 -2.97 25.19
N PRO B 223 -1.77 -4.11 24.56
CA PRO B 223 -1.62 -5.33 25.36
C PRO B 223 -0.26 -5.47 26.05
N GLU B 224 -0.19 -6.43 26.96
CA GLU B 224 1.02 -6.82 27.67
C GLU B 224 1.15 -8.31 27.55
N ILE B 225 2.31 -8.80 27.11
CA ILE B 225 2.56 -10.24 26.98
C ILE B 225 2.88 -10.82 28.38
#